data_4JOP
#
_entry.id   4JOP
#
_cell.length_a   33.083
_cell.length_b   48.396
_cell.length_c   51.966
_cell.angle_alpha   90.00
_cell.angle_beta   101.55
_cell.angle_gamma   90.00
#
_symmetry.space_group_name_H-M   'P 1 21 1'
#
loop_
_entity.id
_entity.type
_entity.pdbx_description
1 polymer 'Golgi-associated PDZ and coiled-coil motif-containing protein'
2 polymer 'Protein E6'
3 water water
#
loop_
_entity_poly.entity_id
_entity_poly.type
_entity_poly.pdbx_seq_one_letter_code
_entity_poly.pdbx_strand_id
1 'polypeptide(L)'
;GPIRKVLLLKEDHEGLGISITGGKEHGVPILISEIHPGQPADRCGGLHVGDAILAVNGVNLRDTKHKEAVTILSQQRGEI
EFEVVYV
;
A,B
2 'polypeptide(L)' TRRETQL C,D
#
# COMPACT_ATOMS: atom_id res chain seq x y z
N GLY A 1 -4.63 -9.31 6.69
CA GLY A 1 -5.15 -8.09 7.24
C GLY A 1 -5.55 -7.16 6.10
N PRO A 2 -6.69 -6.49 6.25
CA PRO A 2 -7.13 -5.51 5.25
C PRO A 2 -6.27 -4.27 5.31
N ILE A 3 -5.94 -3.72 4.14
CA ILE A 3 -5.25 -2.45 4.13
C ILE A 3 -6.19 -1.35 4.65
N ARG A 4 -5.62 -0.47 5.47
CA ARG A 4 -6.33 0.70 5.95
C ARG A 4 -5.51 1.93 5.60
N LYS A 5 -6.20 3.03 5.33
CA LYS A 5 -5.53 4.31 5.11
C LYS A 5 -5.99 5.20 6.24
N VAL A 6 -5.02 5.75 6.96
CA VAL A 6 -5.28 6.46 8.20
C VAL A 6 -4.64 7.83 8.12
N LEU A 7 -5.41 8.88 8.39
CA LEU A 7 -4.85 10.21 8.35
C LEU A 7 -4.44 10.65 9.75
N LEU A 8 -3.22 11.15 9.90
CA LEU A 8 -2.86 11.83 11.14
C LEU A 8 -2.54 13.30 10.90
N LEU A 9 -2.74 14.11 11.91
CA LEU A 9 -2.48 15.54 11.81
C LEU A 9 -1.31 15.85 12.73
N LYS A 10 -0.26 16.41 12.16
CA LYS A 10 0.95 16.69 12.89
C LYS A 10 1.21 18.19 12.88
N GLU A 11 1.38 18.79 14.06
CA GLU A 11 1.91 20.16 14.12
C GLU A 11 3.41 20.12 13.82
N ASP A 12 3.97 21.24 13.37
CA ASP A 12 5.38 21.24 12.95
C ASP A 12 6.38 20.81 14.03
N HIS A 13 6.18 21.28 15.25
CA HIS A 13 7.12 21.00 16.33
C HIS A 13 7.15 19.54 16.75
N GLU A 14 6.05 18.82 16.56
CA GLU A 14 5.98 17.44 17.04
C GLU A 14 6.44 16.42 16.00
N GLY A 15 6.83 15.25 16.47
CA GLY A 15 7.12 14.15 15.57
C GLY A 15 5.82 13.45 15.26
N LEU A 16 5.93 12.29 14.60
CA LEU A 16 4.77 11.48 14.30
C LEU A 16 4.24 10.77 15.56
N GLY A 17 5.13 10.54 16.52
CA GLY A 17 4.74 9.80 17.71
C GLY A 17 4.75 8.29 17.54
N ILE A 18 5.67 7.77 16.74
CA ILE A 18 5.81 6.33 16.58
C ILE A 18 7.28 5.91 16.67
N SER A 19 7.51 4.65 17.03
CA SER A 19 8.81 4.04 16.80
C SER A 19 8.62 2.96 15.75
N ILE A 20 9.58 2.81 14.86
CA ILE A 20 9.52 1.78 13.85
C ILE A 20 10.73 0.84 13.88
N THR A 21 10.50 -0.40 13.45
CA THR A 21 11.55 -1.38 13.23
C THR A 21 11.45 -1.88 11.80
N GLY A 22 12.44 -2.64 11.36
CA GLY A 22 12.37 -3.32 10.08
C GLY A 22 12.81 -2.50 8.89
N GLY A 23 12.43 -2.97 7.69
CA GLY A 23 12.92 -2.40 6.46
C GLY A 23 13.60 -3.47 5.60
N LYS A 24 13.87 -3.13 4.35
CA LYS A 24 14.30 -4.12 3.38
C LYS A 24 15.51 -4.95 3.81
N GLU A 25 16.52 -4.31 4.39
CA GLU A 25 17.75 -5.03 4.74
C GLU A 25 17.51 -6.04 5.85
N HIS A 26 16.38 -5.90 6.53
CA HIS A 26 16.02 -6.77 7.63
C HIS A 26 15.08 -7.90 7.15
N GLY A 27 14.63 -7.80 5.91
CA GLY A 27 13.75 -8.78 5.32
C GLY A 27 12.37 -8.80 5.96
N VAL A 28 11.96 -7.66 6.51
CA VAL A 28 10.64 -7.53 7.12
C VAL A 28 10.13 -6.15 6.82
N PRO A 29 8.80 -5.96 6.90
CA PRO A 29 8.23 -4.65 6.64
C PRO A 29 8.64 -3.64 7.69
N ILE A 30 8.56 -2.36 7.34
CA ILE A 30 8.61 -1.28 8.32
C ILE A 30 7.44 -1.51 9.25
N LEU A 31 7.73 -1.73 10.53
CA LEU A 31 6.71 -2.05 11.52
C LEU A 31 6.64 -1.00 12.65
N ILE A 32 5.44 -0.61 13.05
CA ILE A 32 5.29 0.24 14.22
C ILE A 32 5.56 -0.57 15.49
N SER A 33 6.56 -0.17 16.26
CA SER A 33 6.92 -0.89 17.47
C SER A 33 6.45 -0.19 18.75
N GLU A 34 6.22 1.11 18.66
CA GLU A 34 5.72 1.90 19.79
C GLU A 34 4.81 3.02 19.30
N ILE A 35 3.79 3.31 20.11
CA ILE A 35 2.91 4.45 19.90
C ILE A 35 3.05 5.35 21.12
N HIS A 36 3.63 6.53 20.92
CA HIS A 36 3.93 7.41 22.05
C HIS A 36 2.72 8.23 22.50
N PRO A 37 2.40 8.16 23.80
CA PRO A 37 1.19 8.81 24.32
C PRO A 37 1.19 10.32 24.08
N GLY A 38 0.07 10.83 23.61
CA GLY A 38 -0.14 12.27 23.51
C GLY A 38 0.37 12.83 22.20
N GLN A 39 1.05 11.99 21.41
CA GLN A 39 1.64 12.43 20.15
C GLN A 39 0.67 12.09 19.00
N PRO A 40 0.92 12.62 17.79
CA PRO A 40 -0.06 12.50 16.71
C PRO A 40 -0.62 11.10 16.46
N ALA A 41 0.23 10.06 16.38
CA ALA A 41 -0.29 8.72 16.07
C ALA A 41 -1.27 8.24 17.13
N ASP A 42 -1.00 8.59 18.39
CA ASP A 42 -1.89 8.24 19.50
C ASP A 42 -3.19 9.04 19.39
N ARG A 43 -3.08 10.34 19.14
CA ARG A 43 -4.25 11.20 19.03
C ARG A 43 -5.18 10.81 17.89
N CYS A 44 -4.64 10.28 16.80
CA CYS A 44 -5.47 9.96 15.64
C CYS A 44 -6.26 8.66 15.82
N GLY A 45 -5.70 7.71 16.57
CA GLY A 45 -6.42 6.51 16.99
C GLY A 45 -6.67 5.42 15.96
N GLY A 46 -5.84 5.37 14.91
CA GLY A 46 -5.99 4.34 13.90
C GLY A 46 -4.71 3.57 13.59
N LEU A 47 -3.65 3.88 14.31
CA LEU A 47 -2.36 3.22 14.13
C LEU A 47 -1.98 2.45 15.39
N HIS A 48 -1.55 1.20 15.22
CA HIS A 48 -1.31 0.33 16.36
C HIS A 48 0.05 -0.37 16.27
N VAL A 49 0.58 -0.73 17.42
CA VAL A 49 1.78 -1.55 17.45
C VAL A 49 1.51 -2.84 16.68
N GLY A 50 2.42 -3.20 15.78
CA GLY A 50 2.25 -4.38 14.97
C GLY A 50 1.75 -4.09 13.56
N ASP A 51 1.30 -2.86 13.33
CA ASP A 51 0.95 -2.41 11.98
C ASP A 51 2.20 -2.23 11.12
N ALA A 52 2.15 -2.76 9.90
CA ALA A 52 3.19 -2.48 8.92
C ALA A 52 2.82 -1.21 8.15
N ILE A 53 3.82 -0.35 7.95
CA ILE A 53 3.67 0.84 7.10
C ILE A 53 4.07 0.49 5.67
N LEU A 54 3.06 0.40 4.80
CA LEU A 54 3.28 0.04 3.39
C LEU A 54 3.57 1.28 2.57
N ALA A 55 2.95 2.40 2.91
CA ALA A 55 3.21 3.65 2.21
C ALA A 55 2.85 4.82 3.08
N VAL A 56 3.41 5.98 2.77
CA VAL A 56 3.03 7.22 3.46
C VAL A 56 2.89 8.32 2.42
N ASN A 57 1.74 9.00 2.42
CA ASN A 57 1.42 10.01 1.41
C ASN A 57 1.77 9.59 -0.01
N GLY A 58 1.48 8.32 -0.31
CA GLY A 58 1.71 7.77 -1.64
C GLY A 58 3.15 7.38 -1.96
N VAL A 59 4.03 7.44 -0.96
CA VAL A 59 5.40 6.93 -1.11
C VAL A 59 5.46 5.47 -0.64
N ASN A 60 5.73 4.57 -1.59
CA ASN A 60 5.83 3.14 -1.31
C ASN A 60 7.06 2.83 -0.46
N LEU A 61 6.85 2.27 0.73
CA LEU A 61 7.94 1.94 1.63
C LEU A 61 8.08 0.43 1.78
N ARG A 62 7.40 -0.35 0.93
CA ARG A 62 7.46 -1.81 1.02
C ARG A 62 8.87 -2.37 0.77
N ASP A 63 9.67 -1.62 0.03
CA ASP A 63 10.95 -2.12 -0.45
C ASP A 63 12.08 -1.14 -0.14
N THR A 64 11.90 -0.35 0.91
CA THR A 64 12.88 0.67 1.28
C THR A 64 13.67 0.24 2.51
N LYS A 65 14.95 0.62 2.54
CA LYS A 65 15.76 0.36 3.72
C LYS A 65 15.22 1.14 4.91
N HIS A 66 15.59 0.70 6.10
CA HIS A 66 15.14 1.32 7.33
C HIS A 66 15.38 2.82 7.32
N LYS A 67 16.62 3.25 7.04
CA LYS A 67 16.97 4.66 7.16
C LYS A 67 16.25 5.55 6.14
N GLU A 68 16.07 5.03 4.94
CA GLU A 68 15.37 5.77 3.89
C GLU A 68 13.90 5.96 4.29
N ALA A 69 13.29 4.93 4.87
CA ALA A 69 11.92 5.06 5.36
C ALA A 69 11.83 6.12 6.46
N VAL A 70 12.79 6.08 7.39
CA VAL A 70 12.86 7.08 8.45
C VAL A 70 12.89 8.49 7.87
N THR A 71 13.72 8.68 6.85
CA THR A 71 13.90 10.00 6.25
C THR A 71 12.63 10.48 5.61
N ILE A 72 12.03 9.62 4.79
CA ILE A 72 10.75 9.93 4.14
C ILE A 72 9.69 10.28 5.18
N LEU A 73 9.55 9.43 6.20
CA LEU A 73 8.54 9.68 7.22
C LEU A 73 8.80 10.99 7.96
N SER A 74 10.07 11.28 8.22
CA SER A 74 10.43 12.44 9.01
C SER A 74 10.22 13.72 8.21
N GLN A 75 10.08 13.60 6.90
CA GLN A 75 9.85 14.74 6.02
C GLN A 75 8.37 15.11 5.90
N GLN A 76 7.47 14.28 6.40
CA GLN A 76 6.05 14.55 6.19
C GLN A 76 5.58 15.69 7.09
N ARG A 77 4.64 16.48 6.60
CA ARG A 77 4.12 17.64 7.34
C ARG A 77 2.62 17.72 7.27
N GLY A 78 2.02 18.24 8.32
CA GLY A 78 0.60 18.53 8.28
C GLY A 78 -0.28 17.30 8.36
N GLU A 79 -1.17 17.16 7.39
CA GLU A 79 -2.04 15.99 7.36
C GLU A 79 -1.39 14.87 6.54
N ILE A 80 -1.21 13.71 7.17
CA ILE A 80 -0.36 12.65 6.62
C ILE A 80 -1.08 11.32 6.55
N GLU A 81 -1.18 10.77 5.33
CA GLU A 81 -1.88 9.51 5.12
C GLU A 81 -0.94 8.32 5.21
N PHE A 82 -1.25 7.40 6.12
CA PHE A 82 -0.53 6.13 6.24
C PHE A 82 -1.33 5.01 5.60
N GLU A 83 -0.66 4.21 4.78
CA GLU A 83 -1.28 3.00 4.27
C GLU A 83 -0.68 1.86 5.09
N VAL A 84 -1.51 1.17 5.85
CA VAL A 84 -1.02 0.19 6.81
C VAL A 84 -1.83 -1.10 6.78
N VAL A 85 -1.21 -2.16 7.29
CA VAL A 85 -1.89 -3.43 7.49
C VAL A 85 -1.33 -4.09 8.73
N TYR A 86 -2.21 -4.68 9.53
CA TYR A 86 -1.77 -5.40 10.70
C TYR A 86 -1.17 -6.73 10.29
N VAL A 87 0.04 -7.01 10.76
CA VAL A 87 0.77 -8.21 10.39
C VAL A 87 0.58 -9.32 11.42
N GLY B 1 -8.49 -14.31 -23.42
CA GLY B 1 -9.80 -13.99 -22.87
C GLY B 1 -10.28 -12.64 -23.36
N PRO B 2 -11.58 -12.40 -23.26
CA PRO B 2 -12.08 -11.10 -23.71
C PRO B 2 -11.59 -9.99 -22.78
N ILE B 3 -11.18 -8.84 -23.32
CA ILE B 3 -10.85 -7.69 -22.47
C ILE B 3 -12.13 -7.21 -21.79
N ARG B 4 -12.08 -7.00 -20.47
CA ARG B 4 -13.21 -6.44 -19.75
C ARG B 4 -12.85 -5.10 -19.09
N LYS B 5 -13.83 -4.19 -19.08
CA LYS B 5 -13.71 -2.93 -18.35
C LYS B 5 -14.49 -3.06 -17.06
N VAL B 6 -13.78 -3.10 -15.94
CA VAL B 6 -14.36 -3.42 -14.64
C VAL B 6 -14.31 -2.23 -13.70
N LEU B 7 -15.45 -1.88 -13.14
CA LEU B 7 -15.52 -0.75 -12.21
C LEU B 7 -15.37 -1.22 -10.75
N LEU B 8 -14.57 -0.47 -10.01
CA LEU B 8 -14.38 -0.70 -8.60
C LEU B 8 -14.68 0.62 -7.89
N LEU B 9 -15.48 0.56 -6.83
CA LEU B 9 -15.77 1.73 -6.01
C LEU B 9 -15.15 1.53 -4.64
N LYS B 10 -14.38 2.50 -4.17
CA LYS B 10 -13.86 2.38 -2.82
C LYS B 10 -13.81 3.73 -2.13
N GLU B 11 -13.87 3.71 -0.81
CA GLU B 11 -13.73 4.96 -0.06
C GLU B 11 -12.26 5.16 0.28
N ASP B 12 -11.91 6.37 0.71
CA ASP B 12 -10.51 6.73 0.88
C ASP B 12 -9.84 6.02 2.06
N HIS B 13 -10.63 5.38 2.92
CA HIS B 13 -10.06 4.73 4.10
C HIS B 13 -9.59 3.31 3.81
N GLU B 14 -9.89 2.81 2.62
CA GLU B 14 -9.58 1.42 2.32
C GLU B 14 -8.66 1.27 1.12
N GLY B 15 -8.11 0.09 0.94
CA GLY B 15 -7.29 -0.18 -0.22
C GLY B 15 -8.14 -0.80 -1.33
N LEU B 16 -7.48 -1.32 -2.36
CA LEU B 16 -8.17 -1.96 -3.48
C LEU B 16 -8.70 -3.35 -3.09
N GLY B 17 -7.97 -4.03 -2.22
CA GLY B 17 -8.33 -5.38 -1.83
C GLY B 17 -7.86 -6.41 -2.84
N ILE B 18 -6.73 -6.14 -3.46
CA ILE B 18 -6.08 -7.13 -4.33
C ILE B 18 -4.62 -7.30 -3.93
N SER B 19 -4.02 -8.41 -4.35
CA SER B 19 -2.56 -8.50 -4.33
C SER B 19 -2.16 -8.74 -5.77
N ILE B 20 -1.00 -8.22 -6.17
CA ILE B 20 -0.53 -8.37 -7.55
C ILE B 20 0.88 -8.95 -7.59
N THR B 21 1.16 -9.69 -8.68
CA THR B 21 2.50 -10.17 -9.00
C THR B 21 2.88 -9.79 -10.42
N GLY B 22 4.14 -9.99 -10.78
CA GLY B 22 4.56 -9.76 -12.16
C GLY B 22 5.01 -8.35 -12.42
N GLY B 23 5.11 -7.99 -13.70
CA GLY B 23 5.66 -6.70 -14.08
C GLY B 23 6.77 -6.84 -15.10
N LYS B 24 7.16 -5.71 -15.70
CA LYS B 24 8.06 -5.71 -16.85
C LYS B 24 9.37 -6.46 -16.61
N GLU B 25 9.92 -6.31 -15.41
CA GLU B 25 11.22 -6.88 -15.08
C GLU B 25 11.14 -8.40 -14.85
N HIS B 26 9.93 -8.93 -14.82
CA HIS B 26 9.72 -10.37 -14.64
C HIS B 26 9.31 -11.04 -15.94
N GLY B 27 9.09 -10.24 -16.98
CA GLY B 27 8.69 -10.77 -18.26
C GLY B 27 7.27 -11.28 -18.31
N VAL B 28 6.45 -10.88 -17.32
CA VAL B 28 5.05 -11.27 -17.28
C VAL B 28 4.17 -10.06 -16.91
N PRO B 29 2.87 -10.13 -17.26
CA PRO B 29 1.90 -9.05 -16.98
C PRO B 29 1.77 -8.80 -15.49
N ILE B 30 1.21 -7.65 -15.11
CA ILE B 30 0.78 -7.47 -13.74
C ILE B 30 -0.42 -8.40 -13.58
N LEU B 31 -0.34 -9.33 -12.63
CA LEU B 31 -1.41 -10.32 -12.45
C LEU B 31 -2.02 -10.22 -11.07
N ILE B 32 -3.32 -10.50 -10.98
CA ILE B 32 -3.97 -10.55 -9.68
C ILE B 32 -3.70 -11.90 -9.01
N SER B 33 -3.10 -11.88 -7.84
CA SER B 33 -2.72 -13.10 -7.12
C SER B 33 -3.68 -13.38 -5.97
N GLU B 34 -4.35 -12.35 -5.51
CA GLU B 34 -5.30 -12.48 -4.40
C GLU B 34 -6.44 -11.48 -4.55
N ILE B 35 -7.62 -11.87 -4.08
CA ILE B 35 -8.73 -10.95 -3.90
C ILE B 35 -9.14 -11.09 -2.43
N HIS B 36 -8.91 -10.05 -1.65
N HIS B 36 -8.87 -10.04 -1.65
CA HIS B 36 -9.12 -10.16 -0.22
CA HIS B 36 -9.15 -10.04 -0.21
C HIS B 36 -10.60 -10.02 0.14
C HIS B 36 -10.67 -10.07 -0.01
N PRO B 37 -11.17 -11.10 0.69
CA PRO B 37 -12.61 -11.20 0.98
C PRO B 37 -13.14 -9.96 1.67
N GLY B 38 -14.26 -9.43 1.19
CA GLY B 38 -14.88 -8.29 1.84
C GLY B 38 -14.39 -6.91 1.48
N GLN B 39 -13.26 -6.82 0.76
CA GLN B 39 -12.71 -5.52 0.40
C GLN B 39 -13.23 -5.11 -0.99
N PRO B 40 -12.89 -3.88 -1.46
CA PRO B 40 -13.58 -3.36 -2.66
C PRO B 40 -13.58 -4.24 -3.89
N ALA B 41 -12.46 -4.86 -4.25
CA ALA B 41 -12.41 -5.70 -5.44
C ALA B 41 -13.38 -6.87 -5.33
N ASP B 42 -13.40 -7.50 -4.16
CA ASP B 42 -14.32 -8.62 -3.92
C ASP B 42 -15.78 -8.13 -4.03
N ARG B 43 -16.10 -7.03 -3.36
CA ARG B 43 -17.46 -6.47 -3.35
C ARG B 43 -17.95 -6.06 -4.72
N CYS B 44 -17.09 -5.40 -5.49
CA CYS B 44 -17.56 -4.81 -6.73
C CYS B 44 -17.63 -5.87 -7.85
N GLY B 45 -16.97 -7.00 -7.62
CA GLY B 45 -17.06 -8.12 -8.53
C GLY B 45 -16.30 -7.81 -9.82
N GLY B 46 -16.23 -8.80 -10.69
CA GLY B 46 -15.61 -8.61 -12.00
C GLY B 46 -14.11 -8.81 -12.05
N LEU B 47 -13.46 -8.87 -10.89
CA LEU B 47 -12.00 -9.09 -10.81
C LEU B 47 -11.68 -10.43 -10.18
N HIS B 48 -10.80 -11.18 -10.82
CA HIS B 48 -10.53 -12.55 -10.40
C HIS B 48 -9.04 -12.84 -10.34
N VAL B 49 -8.65 -13.74 -9.44
CA VAL B 49 -7.27 -14.21 -9.42
C VAL B 49 -6.90 -14.78 -10.79
N GLY B 50 -5.78 -14.33 -11.34
CA GLY B 50 -5.36 -14.78 -12.66
C GLY B 50 -5.60 -13.76 -13.77
N ASP B 51 -6.36 -12.72 -13.46
CA ASP B 51 -6.58 -11.64 -14.43
C ASP B 51 -5.29 -10.86 -14.57
N ALA B 52 -4.93 -10.52 -15.81
CA ALA B 52 -3.86 -9.56 -16.01
C ALA B 52 -4.47 -8.17 -15.99
N ILE B 53 -3.83 -7.23 -15.30
CA ILE B 53 -4.32 -5.86 -15.31
C ILE B 53 -3.62 -5.09 -16.43
N LEU B 54 -4.37 -4.74 -17.46
CA LEU B 54 -3.79 -4.12 -18.65
C LEU B 54 -3.69 -2.60 -18.51
N ALA B 55 -4.61 -2.03 -17.75
CA ALA B 55 -4.64 -0.58 -17.48
C ALA B 55 -5.54 -0.27 -16.31
N VAL B 56 -5.29 0.86 -15.67
CA VAL B 56 -6.20 1.36 -14.64
C VAL B 56 -6.47 2.84 -14.90
N ASN B 57 -7.74 3.21 -14.91
CA ASN B 57 -8.14 4.58 -15.24
C ASN B 57 -7.43 5.11 -16.49
N GLY B 58 -7.28 4.24 -17.48
CA GLY B 58 -6.67 4.65 -18.74
C GLY B 58 -5.16 4.73 -18.73
N VAL B 59 -4.55 4.46 -17.58
CA VAL B 59 -3.10 4.37 -17.49
C VAL B 59 -2.63 2.95 -17.83
N ASN B 60 -1.86 2.83 -18.90
CA ASN B 60 -1.35 1.55 -19.37
C ASN B 60 -0.36 0.90 -18.40
N LEU B 61 -0.63 -0.34 -18.03
CA LEU B 61 0.21 -1.11 -17.13
C LEU B 61 0.92 -2.24 -17.86
N ARG B 62 0.72 -2.33 -19.18
CA ARG B 62 1.29 -3.44 -19.95
C ARG B 62 2.81 -3.46 -19.92
N ASP B 63 3.43 -2.29 -19.80
CA ASP B 63 4.89 -2.23 -19.86
C ASP B 63 5.52 -1.68 -18.59
N THR B 64 4.76 -1.62 -17.50
CA THR B 64 5.29 -1.08 -16.26
C THR B 64 6.04 -2.13 -15.44
N LYS B 65 7.08 -1.69 -14.75
CA LYS B 65 7.75 -2.54 -13.76
C LYS B 65 6.81 -2.70 -12.58
N HIS B 66 7.05 -3.73 -11.77
CA HIS B 66 6.17 -4.04 -10.65
C HIS B 66 5.88 -2.82 -9.75
N LYS B 67 6.94 -2.12 -9.34
CA LYS B 67 6.78 -0.96 -8.44
C LYS B 67 6.16 0.26 -9.12
N GLU B 68 6.33 0.38 -10.42
CA GLU B 68 5.64 1.41 -11.17
C GLU B 68 4.13 1.18 -11.13
N ALA B 69 3.71 -0.07 -11.31
CA ALA B 69 2.30 -0.47 -11.18
C ALA B 69 1.76 -0.25 -9.76
N VAL B 70 2.56 -0.54 -8.73
CA VAL B 70 2.14 -0.25 -7.37
C VAL B 70 1.78 1.24 -7.20
N THR B 71 2.68 2.12 -7.62
CA THR B 71 2.46 3.57 -7.46
C THR B 71 1.22 4.02 -8.23
N ILE B 72 1.10 3.57 -9.47
CA ILE B 72 -0.05 3.91 -10.30
C ILE B 72 -1.35 3.42 -9.70
N LEU B 73 -1.39 2.15 -9.30
CA LEU B 73 -2.62 1.57 -8.78
C LEU B 73 -3.02 2.24 -7.47
N SER B 74 -2.05 2.46 -6.59
CA SER B 74 -2.35 3.07 -5.29
C SER B 74 -2.76 4.54 -5.36
N GLN B 75 -2.46 5.22 -6.46
CA GLN B 75 -2.84 6.64 -6.64
C GLN B 75 -4.32 6.80 -6.94
N GLN B 76 -4.96 5.74 -7.43
CA GLN B 76 -6.33 5.85 -7.90
C GLN B 76 -7.29 5.95 -6.72
N ARG B 77 -8.31 6.78 -6.87
CA ARG B 77 -9.29 7.02 -5.81
C ARG B 77 -10.72 6.97 -6.33
N GLY B 78 -11.65 6.57 -5.46
CA GLY B 78 -13.07 6.68 -5.75
C GLY B 78 -13.60 5.64 -6.72
N GLU B 79 -13.97 6.09 -7.91
CA GLU B 79 -14.43 5.21 -8.97
C GLU B 79 -13.27 4.85 -9.88
N ILE B 80 -12.88 3.59 -9.87
CA ILE B 80 -11.65 3.16 -10.51
C ILE B 80 -11.96 2.12 -11.56
N GLU B 81 -11.57 2.41 -12.81
CA GLU B 81 -11.85 1.49 -13.89
C GLU B 81 -10.64 0.64 -14.26
N PHE B 82 -10.79 -0.68 -14.20
CA PHE B 82 -9.72 -1.58 -14.60
C PHE B 82 -10.01 -2.14 -15.97
N GLU B 83 -8.95 -2.32 -16.76
CA GLU B 83 -9.02 -3.07 -18.00
C GLU B 83 -8.26 -4.36 -17.74
N VAL B 84 -8.98 -5.48 -17.74
CA VAL B 84 -8.39 -6.75 -17.35
C VAL B 84 -8.67 -7.84 -18.39
N VAL B 85 -7.82 -8.86 -18.40
CA VAL B 85 -8.02 -9.99 -19.27
C VAL B 85 -7.56 -11.25 -18.56
N TYR B 86 -8.30 -12.33 -18.72
CA TYR B 86 -7.87 -13.59 -18.13
C TYR B 86 -6.98 -14.35 -19.10
N VAL B 87 -5.70 -14.45 -18.77
CA VAL B 87 -4.72 -15.07 -19.66
C VAL B 87 -4.34 -16.45 -19.16
N THR C 1 21.57 -5.35 19.07
CA THR C 1 21.89 -5.37 17.66
C THR C 1 20.65 -5.14 16.79
N ARG C 2 19.66 -4.43 17.35
CA ARG C 2 18.41 -4.20 16.62
C ARG C 2 18.16 -2.73 16.28
N ARG C 3 17.71 -2.50 15.06
CA ARG C 3 17.41 -1.15 14.59
C ARG C 3 15.98 -0.72 14.98
N GLU C 4 15.89 0.29 15.84
CA GLU C 4 14.61 0.91 16.14
C GLU C 4 14.78 2.42 16.15
N THR C 5 13.90 3.12 15.45
CA THR C 5 14.00 4.59 15.37
C THR C 5 12.73 5.26 15.83
N GLN C 6 12.86 6.26 16.70
CA GLN C 6 11.70 7.01 17.15
C GLN C 6 11.50 8.21 16.23
N LEU C 7 10.24 8.50 15.90
CA LEU C 7 9.90 9.43 14.82
C LEU C 7 8.75 10.34 15.19
N THR D 1 10.27 -16.35 -5.64
CA THR D 1 10.48 -16.17 -7.07
C THR D 1 9.44 -15.22 -7.64
N ARG D 2 8.29 -15.15 -6.98
CA ARG D 2 7.23 -14.23 -7.34
C ARG D 2 7.01 -13.23 -6.20
N ARG D 3 7.55 -12.02 -6.35
CA ARG D 3 7.32 -10.97 -5.37
C ARG D 3 5.88 -10.51 -5.52
N GLU D 4 5.29 -10.03 -4.43
CA GLU D 4 3.86 -9.74 -4.42
C GLU D 4 3.55 -8.54 -3.54
N THR D 5 2.69 -7.65 -4.05
CA THR D 5 2.31 -6.45 -3.33
C THR D 5 0.83 -6.47 -3.02
N GLN D 6 0.47 -6.24 -1.75
CA GLN D 6 -0.95 -6.12 -1.35
C GLN D 6 -1.35 -4.66 -1.53
N LEU D 7 -2.53 -4.42 -2.11
CA LEU D 7 -2.95 -3.08 -2.50
C LEU D 7 -4.37 -2.78 -2.04
#